data_3CHL
#
_entry.id   3CHL
#
_cell.length_a   133.859
_cell.length_b   133.859
_cell.length_c   69.668
_cell.angle_alpha   90.000
_cell.angle_beta   90.000
_cell.angle_gamma   120.000
#
_symmetry.space_group_name_H-M   'H 3'
#
loop_
_entity.id
_entity.type
_entity.pdbx_description
1 polymer 'Alpha-14 giardin'
2 non-polymer 'MAGNESIUM ION'
3 water water
#
_entity_poly.entity_id   1
_entity_poly.type   'polypeptide(L)'
_entity_poly.pdbx_seq_one_letter_code
;MANKNYQMSTGVTAVVQKVVEACQDESKRLDLIEIARSYPPNQLRNMQRTFQAITGTFLDAFLKKHLSKDFESLVLMLYK
PRAQLLCELIRGATKGAGTDEKCLVDVLLTIETHEVREIRQLYYQLYNDSLGDVVRKDCGDKYMWAKLINAVATGDRIPR
DTHELEEDLVLVRKAIETKGVKKDEVSTWIRIFATYTRADFRQLHKMYSAKYNGDSLRAGVEDEFQGLDEYAFKLAHDFL
YDPCCAAAFSMNVAFAGSGSDSNRLNRITAMHFRECKGCKYYYKKVYGQAFDERCATELKGVYGDAIKLLWEPVTVPLLS
MDDYQGSEQHRPMTLEL
;
_entity_poly.pdbx_strand_id   A
#
loop_
_chem_comp.id
_chem_comp.type
_chem_comp.name
_chem_comp.formula
MG non-polymer 'MAGNESIUM ION' 'Mg 2'
#
# COMPACT_ATOMS: atom_id res chain seq x y z
N THR A 10 -21.46 -2.58 19.26
CA THR A 10 -21.79 -1.84 20.50
C THR A 10 -20.66 -0.84 20.78
N GLY A 11 -20.74 -0.22 21.96
CA GLY A 11 -20.14 1.06 22.32
C GLY A 11 -18.67 0.99 22.70
N VAL A 12 -18.08 2.13 23.04
CA VAL A 12 -16.62 2.14 23.21
C VAL A 12 -16.17 1.24 24.36
N THR A 13 -16.98 1.21 25.42
CA THR A 13 -16.67 0.38 26.60
C THR A 13 -16.47 -1.08 26.22
N ALA A 14 -17.45 -1.62 25.50
CA ALA A 14 -17.41 -3.02 25.09
C ALA A 14 -16.18 -3.27 24.20
N VAL A 15 -15.90 -2.36 23.26
CA VAL A 15 -14.73 -2.51 22.33
C VAL A 15 -13.40 -2.50 23.12
N VAL A 16 -13.24 -1.56 24.05
CA VAL A 16 -12.03 -1.50 24.88
C VAL A 16 -11.89 -2.80 25.70
N GLN A 17 -12.97 -3.25 26.31
CA GLN A 17 -12.95 -4.53 27.06
C GLN A 17 -12.55 -5.74 26.18
N LYS A 18 -13.09 -5.78 24.98
CA LYS A 18 -12.75 -6.83 23.98
C LYS A 18 -11.27 -6.79 23.62
N VAL A 19 -10.71 -5.59 23.43
CA VAL A 19 -9.26 -5.41 23.19
C VAL A 19 -8.42 -5.98 24.34
N VAL A 20 -8.78 -5.61 25.55
CA VAL A 20 -8.10 -6.09 26.73
C VAL A 20 -8.21 -7.61 26.86
N GLU A 21 -9.41 -8.16 26.67
CA GLU A 21 -9.57 -9.61 26.78
C GLU A 21 -8.82 -10.39 25.69
N ALA A 22 -8.61 -9.76 24.53
CA ALA A 22 -7.91 -10.35 23.40
C ALA A 22 -6.42 -10.45 23.70
N CYS A 23 -5.89 -9.51 24.46
CA CYS A 23 -4.48 -9.59 24.83
C CYS A 23 -4.21 -10.52 26.02
N GLN A 24 -5.20 -10.65 26.90
CA GLN A 24 -5.07 -11.44 28.11
C GLN A 24 -5.37 -12.94 27.90
N ASP A 25 -6.05 -13.28 26.81
CA ASP A 25 -6.49 -14.64 26.53
C ASP A 25 -6.07 -15.00 25.10
N GLU A 26 -5.05 -15.85 24.95
CA GLU A 26 -4.47 -16.13 23.62
C GLU A 26 -5.46 -16.73 22.63
N SER A 27 -6.50 -17.40 23.12
CA SER A 27 -7.55 -17.91 22.22
C SER A 27 -8.42 -16.78 21.62
N LYS A 28 -8.32 -15.56 22.18
CA LYS A 28 -9.12 -14.40 21.69
C LYS A 28 -8.33 -13.39 20.83
N ARG A 29 -7.10 -13.71 20.48
CA ARG A 29 -6.18 -12.77 19.81
C ARG A 29 -6.78 -12.15 18.55
N LEU A 30 -7.51 -12.94 17.77
CA LEU A 30 -8.05 -12.45 16.48
C LEU A 30 -9.23 -11.51 16.67
N ASP A 31 -9.76 -11.43 17.89
CA ASP A 31 -10.73 -10.34 18.18
C ASP A 31 -10.18 -8.94 17.83
N LEU A 32 -8.88 -8.75 17.97
CA LEU A 32 -8.23 -7.48 17.61
C LEU A 32 -8.43 -7.15 16.13
N ILE A 33 -8.38 -8.19 15.31
CA ILE A 33 -8.60 -8.09 13.86
C ILE A 33 -10.06 -7.96 13.53
N GLU A 34 -10.91 -8.75 14.20
CA GLU A 34 -12.34 -8.58 13.99
C GLU A 34 -12.79 -7.11 14.24
N ILE A 35 -12.25 -6.54 15.29
CA ILE A 35 -12.52 -5.11 15.64
C ILE A 35 -12.05 -4.21 14.49
N ALA A 36 -10.85 -4.48 13.97
CA ALA A 36 -10.34 -3.63 12.87
C ALA A 36 -11.28 -3.66 11.66
N ARG A 37 -11.86 -4.84 11.42
CA ARG A 37 -12.69 -5.06 10.20
C ARG A 37 -14.14 -4.61 10.39
N SER A 38 -14.54 -4.33 11.64
CA SER A 38 -15.97 -4.11 11.96
C SER A 38 -16.42 -2.67 12.17
N TYR A 39 -15.46 -1.75 12.31
CA TYR A 39 -15.75 -0.36 12.60
C TYR A 39 -15.04 0.54 11.60
N PRO A 40 -15.59 1.74 11.35
CA PRO A 40 -14.90 2.69 10.49
C PRO A 40 -13.61 3.13 11.17
N PRO A 41 -12.55 3.33 10.39
CA PRO A 41 -11.25 3.76 10.93
C PRO A 41 -11.30 5.00 11.88
N ASN A 42 -12.13 5.99 11.57
CA ASN A 42 -12.19 7.16 12.46
C ASN A 42 -12.66 6.80 13.88
N GLN A 43 -13.66 5.91 13.98
CA GLN A 43 -14.11 5.42 15.27
C GLN A 43 -13.06 4.59 15.97
N LEU A 44 -12.27 3.81 15.22
CA LEU A 44 -11.19 3.03 15.85
C LEU A 44 -10.12 3.99 16.37
N ARG A 45 -9.84 5.04 15.60
CA ARG A 45 -8.86 6.04 16.03
C ARG A 45 -9.38 6.68 17.34
N ASN A 46 -10.66 7.09 17.37
CA ASN A 46 -11.25 7.72 18.59
C ASN A 46 -11.17 6.77 19.78
N MET A 47 -11.43 5.49 19.53
CA MET A 47 -11.28 4.47 20.58
C MET A 47 -9.85 4.41 21.11
N GLN A 48 -8.89 4.25 20.20
CA GLN A 48 -7.49 4.19 20.62
C GLN A 48 -7.11 5.49 21.34
N ARG A 49 -7.62 6.63 20.88
CA ARG A 49 -7.23 7.87 21.56
C ARG A 49 -7.85 8.06 22.94
N THR A 50 -8.84 7.23 23.29
CA THR A 50 -9.53 7.28 24.58
C THR A 50 -9.17 6.10 25.50
N PHE A 51 -8.48 5.11 24.91
CA PHE A 51 -8.06 3.87 25.58
C PHE A 51 -7.21 4.14 26.84
N GLN A 52 -6.23 5.03 26.77
CA GLN A 52 -5.39 5.32 27.96
C GLN A 52 -6.22 6.01 29.05
N ALA A 53 -7.12 6.91 28.65
CA ALA A 53 -8.03 7.60 29.60
C ALA A 53 -8.99 6.61 30.28
N ILE A 54 -9.39 5.57 29.57
CA ILE A 54 -10.27 4.56 30.17
C ILE A 54 -9.45 3.58 31.04
N THR A 55 -8.31 3.09 30.54
CA THR A 55 -7.65 1.97 31.22
C THR A 55 -6.46 2.35 32.07
N GLY A 56 -5.93 3.55 31.85
CA GLY A 56 -4.70 3.98 32.53
C GLY A 56 -3.41 3.66 31.78
N THR A 57 -3.52 2.91 30.68
CA THR A 57 -2.36 2.38 29.96
C THR A 57 -2.55 2.68 28.48
N PHE A 58 -1.49 3.12 27.81
CA PHE A 58 -1.52 3.33 26.35
C PHE A 58 -1.68 2.01 25.60
N LEU A 59 -2.43 2.04 24.51
CA LEU A 59 -2.69 0.83 23.72
C LEU A 59 -1.41 0.06 23.35
N ASP A 60 -0.41 0.75 22.79
CA ASP A 60 0.80 0.02 22.35
C ASP A 60 1.51 -0.69 23.49
N ALA A 61 1.44 -0.08 24.67
CA ALA A 61 2.09 -0.59 25.84
C ALA A 61 1.41 -1.87 26.27
N PHE A 62 0.09 -1.81 26.24
CA PHE A 62 -0.70 -2.98 26.49
C PHE A 62 -0.40 -4.13 25.49
N LEU A 63 -0.45 -3.81 24.20
CA LEU A 63 -0.17 -4.81 23.15
C LEU A 63 1.22 -5.43 23.23
N LYS A 64 2.24 -4.62 23.55
CA LYS A 64 3.61 -5.13 23.61
C LYS A 64 3.83 -6.11 24.77
N LYS A 65 2.98 -6.08 25.79
CA LYS A 65 3.14 -7.00 26.91
C LYS A 65 2.77 -8.42 26.50
N HIS A 66 1.89 -8.52 25.50
CA HIS A 66 1.23 -9.77 25.21
C HIS A 66 1.51 -10.34 23.83
N LEU A 67 1.79 -9.49 22.85
CA LEU A 67 1.82 -9.94 21.46
C LEU A 67 3.24 -10.02 20.90
N SER A 68 3.43 -10.84 19.87
CA SER A 68 4.71 -10.87 19.12
C SER A 68 4.95 -9.52 18.46
N LYS A 69 6.20 -9.15 18.18
CA LYS A 69 6.46 -7.85 17.54
C LYS A 69 5.69 -7.69 16.21
N ASP A 70 5.69 -8.74 15.39
CA ASP A 70 5.05 -8.70 14.05
C ASP A 70 3.56 -8.47 14.16
N PHE A 71 2.93 -9.19 15.08
CA PHE A 71 1.49 -9.09 15.29
C PHE A 71 1.12 -7.77 16.00
N GLU A 72 1.87 -7.36 17.00
CA GLU A 72 1.53 -6.07 17.59
C GLU A 72 1.74 -4.92 16.58
N SER A 73 2.79 -5.01 15.78
CA SER A 73 3.10 -4.00 14.77
C SER A 73 1.93 -3.87 13.73
N LEU A 74 1.40 -4.99 13.31
CA LEU A 74 0.22 -5.03 12.43
C LEU A 74 -0.96 -4.34 13.09
N VAL A 75 -1.28 -4.76 14.32
CA VAL A 75 -2.48 -4.24 14.99
C VAL A 75 -2.45 -2.73 15.12
N LEU A 76 -1.27 -2.23 15.46
CA LEU A 76 -1.07 -0.79 15.62
C LEU A 76 -1.21 0.04 14.34
N MET A 77 -1.17 -0.61 13.18
CA MET A 77 -1.45 0.13 11.96
C MET A 77 -2.93 0.16 11.60
N LEU A 78 -3.76 -0.66 12.27
CA LEU A 78 -5.16 -0.90 11.84
C LEU A 78 -6.16 0.09 12.41
N TYR A 79 -5.84 0.70 13.56
CA TYR A 79 -6.88 1.54 14.25
C TYR A 79 -6.82 3.03 13.94
N LYS A 80 -6.74 3.34 12.67
CA LYS A 80 -6.57 4.71 12.20
C LYS A 80 -6.93 4.79 10.72
N PRO A 81 -7.35 5.99 10.26
CA PRO A 81 -7.65 6.16 8.84
C PRO A 81 -6.37 6.06 8.02
N ARG A 82 -6.56 5.84 6.74
CA ARG A 82 -5.45 5.62 5.82
C ARG A 82 -4.51 6.82 5.83
N ALA A 83 -5.03 8.04 5.80
CA ALA A 83 -4.14 9.22 5.72
C ALA A 83 -3.13 9.27 6.86
N GLN A 84 -3.61 8.98 8.08
CA GLN A 84 -2.77 8.97 9.28
C GLN A 84 -1.73 7.86 9.17
N LEU A 85 -2.17 6.65 8.81
CA LEU A 85 -1.25 5.55 8.60
C LEU A 85 -0.16 5.94 7.58
N LEU A 86 -0.55 6.53 6.44
CA LEU A 86 0.45 6.80 5.37
C LEU A 86 1.48 7.81 5.85
N CYS A 87 1.02 8.85 6.54
CA CYS A 87 1.95 9.85 7.09
C CYS A 87 2.94 9.21 8.07
N GLU A 88 2.43 8.37 8.98
CA GLU A 88 3.33 7.70 9.94
C GLU A 88 4.31 6.78 9.27
N LEU A 89 3.87 6.08 8.23
CA LEU A 89 4.81 5.22 7.48
C LEU A 89 5.91 5.99 6.73
N ILE A 90 5.55 7.12 6.14
CA ILE A 90 6.52 7.97 5.48
C ILE A 90 7.55 8.53 6.50
N ARG A 91 7.02 9.07 7.59
CA ARG A 91 7.88 9.55 8.69
C ARG A 91 8.81 8.44 9.18
N GLY A 92 8.24 7.26 9.41
CA GLY A 92 8.97 6.13 10.02
C GLY A 92 10.03 5.58 9.08
N ALA A 93 9.94 5.90 7.78
CA ALA A 93 10.87 5.34 6.79
C ALA A 93 12.30 5.85 7.07
N THR A 94 12.41 6.93 7.83
CA THR A 94 13.73 7.44 8.28
C THR A 94 13.95 7.44 9.81
N LYS A 95 13.25 6.56 10.53
CA LYS A 95 13.40 6.39 11.97
C LYS A 95 14.79 5.84 12.30
N GLY A 96 15.32 4.98 11.43
CA GLY A 96 16.67 4.47 11.59
C GLY A 96 17.73 5.57 11.52
N ALA A 97 18.24 5.75 10.31
CA ALA A 97 19.42 6.59 10.03
C ALA A 97 19.95 5.98 8.76
N GLY A 98 19.08 5.15 8.16
CA GLY A 98 19.08 4.86 6.74
C GLY A 98 17.68 5.27 6.29
N THR A 99 17.37 5.00 5.02
CA THR A 99 16.03 5.24 4.45
C THR A 99 15.42 3.88 4.06
N ASP A 100 14.19 3.63 4.50
CA ASP A 100 13.48 2.45 4.04
C ASP A 100 12.87 2.77 2.64
N GLU A 101 13.68 2.56 1.59
CA GLU A 101 13.26 2.85 0.24
C GLU A 101 12.04 2.06 -0.20
N LYS A 102 12.02 0.79 0.19
CA LYS A 102 10.91 -0.12 -0.15
C LYS A 102 9.60 0.44 0.40
N CYS A 103 9.66 0.96 1.64
CA CYS A 103 8.46 1.48 2.29
C CYS A 103 7.96 2.72 1.59
N LEU A 104 8.87 3.63 1.23
CA LEU A 104 8.47 4.82 0.52
C LEU A 104 7.87 4.52 -0.86
N VAL A 105 8.47 3.59 -1.58
CA VAL A 105 7.89 3.14 -2.86
C VAL A 105 6.47 2.53 -2.69
N ASP A 106 6.33 1.59 -1.76
CA ASP A 106 5.01 0.98 -1.45
C ASP A 106 3.94 2.02 -1.16
N VAL A 107 4.30 3.07 -0.44
CA VAL A 107 3.32 4.10 -0.01
C VAL A 107 3.00 5.08 -1.11
N LEU A 108 4.04 5.76 -1.64
CA LEU A 108 3.82 6.89 -2.58
C LEU A 108 3.18 6.48 -3.88
N LEU A 109 3.36 5.22 -4.27
CA LEU A 109 2.86 4.76 -5.57
C LEU A 109 1.43 4.23 -5.53
N THR A 110 0.82 4.23 -4.36
CA THR A 110 -0.50 3.63 -4.18
C THR A 110 -1.48 4.59 -3.46
N ILE A 111 -1.30 5.87 -3.73
CA ILE A 111 -2.19 6.91 -3.23
C ILE A 111 -3.10 7.39 -4.35
N GLU A 112 -4.41 7.31 -4.12
CA GLU A 112 -5.41 7.79 -5.10
C GLU A 112 -5.40 9.33 -5.19
N THR A 113 -5.70 9.88 -6.37
CA THR A 113 -5.76 11.36 -6.54
C THR A 113 -6.63 12.06 -5.47
N HIS A 114 -7.85 11.57 -5.27
CA HIS A 114 -8.74 12.17 -4.26
C HIS A 114 -8.18 12.26 -2.82
N GLU A 115 -7.08 11.55 -2.54
CA GLU A 115 -6.53 11.43 -1.18
C GLU A 115 -5.34 12.33 -0.99
N VAL A 116 -4.74 12.75 -2.10
CA VAL A 116 -3.43 13.42 -2.13
C VAL A 116 -3.37 14.68 -1.29
N ARG A 117 -4.35 15.57 -1.46
CA ARG A 117 -4.38 16.84 -0.73
C ARG A 117 -4.49 16.66 0.79
N GLU A 118 -5.43 15.83 1.26
CA GLU A 118 -5.54 15.54 2.68
C GLU A 118 -4.23 14.98 3.26
N ILE A 119 -3.55 14.14 2.49
CA ILE A 119 -2.31 13.52 2.96
C ILE A 119 -1.20 14.54 3.06
N ARG A 120 -0.96 15.29 1.98
CA ARG A 120 0.03 16.39 2.00
C ARG A 120 -0.23 17.33 3.18
N GLN A 121 -1.48 17.79 3.35
CA GLN A 121 -1.87 18.62 4.52
C GLN A 121 -1.61 18.01 5.90
N LEU A 122 -2.07 16.77 6.10
CA LEU A 122 -1.84 16.07 7.35
C LEU A 122 -0.33 15.92 7.62
N TYR A 123 0.46 15.57 6.59
CA TYR A 123 1.93 15.42 6.77
C TYR A 123 2.57 16.72 7.30
N TYR A 124 2.24 17.84 6.65
CA TYR A 124 2.69 19.13 7.14
C TYR A 124 2.17 19.42 8.57
N GLN A 125 0.89 19.18 8.79
CA GLN A 125 0.28 19.35 10.10
C GLN A 125 0.93 18.55 11.23
N LEU A 126 1.31 17.30 10.93
CA LEU A 126 1.93 16.42 11.93
C LEU A 126 3.39 16.72 12.15
N TYR A 127 4.12 16.98 11.07
CA TYR A 127 5.59 17.01 11.11
C TYR A 127 6.18 18.31 10.60
N ASN A 128 5.29 19.26 10.30
CA ASN A 128 5.64 20.60 9.79
C ASN A 128 6.78 20.66 8.75
N ASP A 129 6.81 19.67 7.87
CA ASP A 129 7.62 19.72 6.70
C ASP A 129 6.72 19.29 5.54
N SER A 130 7.06 19.67 4.33
CA SER A 130 6.28 19.25 3.18
C SER A 130 6.65 17.80 2.83
N LEU A 131 5.65 17.07 2.37
CA LEU A 131 5.78 15.68 2.11
C LEU A 131 6.71 15.50 0.92
N GLY A 132 6.52 16.32 -0.13
CA GLY A 132 7.41 16.35 -1.30
C GLY A 132 8.88 16.56 -0.95
N ASP A 133 9.13 17.49 -0.03
CA ASP A 133 10.49 17.80 0.44
C ASP A 133 11.06 16.63 1.18
N VAL A 134 10.23 16.05 2.06
CA VAL A 134 10.63 14.89 2.83
C VAL A 134 10.95 13.72 1.90
N VAL A 135 10.10 13.47 0.92
CA VAL A 135 10.40 12.37 -0.01
C VAL A 135 11.68 12.64 -0.80
N ARG A 136 11.81 13.84 -1.34
CA ARG A 136 12.99 14.23 -2.13
C ARG A 136 14.25 14.08 -1.29
N LYS A 137 14.20 14.59 -0.06
CA LYS A 137 15.35 14.45 0.84
C LYS A 137 15.69 12.97 1.15
N ASP A 138 14.67 12.14 1.43
CA ASP A 138 14.88 10.73 1.75
C ASP A 138 15.47 9.93 0.57
N CYS A 139 15.10 10.28 -0.66
CA CYS A 139 15.38 9.40 -1.81
C CYS A 139 16.39 9.87 -2.85
N GLY A 140 16.66 11.17 -2.88
CA GLY A 140 17.46 11.78 -3.94
C GLY A 140 16.69 11.76 -5.25
N ASP A 141 17.40 11.95 -6.37
CA ASP A 141 16.80 11.99 -7.70
C ASP A 141 17.69 11.31 -8.76
N LYS A 142 18.54 10.39 -8.30
CA LYS A 142 19.43 9.59 -9.16
C LYS A 142 18.68 8.43 -9.82
N TYR A 143 18.11 7.53 -9.00
CA TYR A 143 17.50 6.31 -9.50
C TYR A 143 16.14 6.53 -10.14
N MET A 144 15.78 5.67 -11.10
CA MET A 144 14.51 5.79 -11.78
C MET A 144 13.38 5.70 -10.75
N TRP A 145 13.50 4.79 -9.78
CA TRP A 145 12.43 4.65 -8.78
C TRP A 145 12.26 5.94 -7.98
N ALA A 146 13.39 6.62 -7.70
CA ALA A 146 13.34 7.86 -6.91
C ALA A 146 12.79 9.02 -7.75
N LYS A 147 13.16 9.05 -9.03
CA LYS A 147 12.62 10.03 -9.95
C LYS A 147 11.10 9.87 -10.09
N LEU A 148 10.68 8.62 -10.16
CA LEU A 148 9.25 8.28 -10.28
C LEU A 148 8.46 8.71 -9.02
N ILE A 149 8.91 8.28 -7.84
CA ILE A 149 8.17 8.69 -6.62
C ILE A 149 8.23 10.21 -6.36
N ASN A 150 9.32 10.88 -6.73
CA ASN A 150 9.35 12.36 -6.60
C ASN A 150 8.33 13.01 -7.50
N ALA A 151 8.25 12.56 -8.74
CA ALA A 151 7.26 13.06 -9.69
C ALA A 151 5.84 12.81 -9.22
N VAL A 152 5.60 11.67 -8.61
CA VAL A 152 4.29 11.39 -8.01
C VAL A 152 4.04 12.24 -6.74
N ALA A 153 5.06 12.37 -5.89
CA ALA A 153 4.92 13.09 -4.60
C ALA A 153 4.59 14.57 -4.77
N THR A 154 5.04 15.15 -5.87
CA THR A 154 4.90 16.58 -6.07
C THR A 154 3.89 16.88 -7.19
N GLY A 155 3.61 15.89 -8.02
CA GLY A 155 2.84 16.12 -9.23
C GLY A 155 1.36 15.95 -9.06
N ASP A 156 0.66 15.97 -10.18
CA ASP A 156 -0.76 15.65 -10.21
C ASP A 156 -1.01 14.79 -11.45
N ARG A 157 -2.05 13.97 -11.39
CA ARG A 157 -2.50 13.17 -12.53
C ARG A 157 -3.72 13.84 -13.17
N ILE A 158 -3.52 14.29 -14.41
CA ILE A 158 -4.50 15.06 -15.18
C ILE A 158 -4.88 14.33 -16.48
N PRO A 159 -6.16 14.45 -16.91
CA PRO A 159 -6.62 13.82 -18.17
C PRO A 159 -5.91 14.27 -19.44
N ARG A 160 -6.03 13.44 -20.50
CA ARG A 160 -5.47 13.67 -21.84
C ARG A 160 -6.38 13.09 -22.91
N ASP A 161 -6.10 13.44 -24.18
CA ASP A 161 -6.87 12.95 -25.35
C ASP A 161 -6.21 11.81 -26.11
N THR A 162 -7.00 11.11 -26.94
CA THR A 162 -6.48 10.00 -27.76
C THR A 162 -5.15 10.37 -28.41
N HIS A 163 -4.96 11.67 -28.67
CA HIS A 163 -3.83 12.19 -29.46
C HIS A 163 -2.51 12.06 -28.75
N GLU A 164 -2.49 12.50 -27.49
CA GLU A 164 -1.28 12.39 -26.70
C GLU A 164 -0.96 10.93 -26.39
N LEU A 165 -1.99 10.10 -26.23
CA LEU A 165 -1.81 8.67 -25.95
C LEU A 165 -1.21 7.91 -27.15
N GLU A 166 -1.62 8.29 -28.36
CA GLU A 166 -1.02 7.78 -29.60
C GLU A 166 0.46 8.10 -29.74
N GLU A 167 0.83 9.34 -29.44
CA GLU A 167 2.23 9.76 -29.48
C GLU A 167 3.04 9.05 -28.42
N ASP A 168 2.47 8.90 -27.22
CA ASP A 168 3.22 8.32 -26.10
C ASP A 168 3.43 6.82 -26.31
N LEU A 169 2.48 6.18 -27.00
CA LEU A 169 2.58 4.79 -27.41
C LEU A 169 3.87 4.54 -28.18
N VAL A 170 4.11 5.36 -29.20
CA VAL A 170 5.29 5.27 -30.03
C VAL A 170 6.55 5.50 -29.18
N LEU A 171 6.53 6.54 -28.34
CA LEU A 171 7.67 6.84 -27.48
C LEU A 171 8.01 5.72 -26.46
N VAL A 172 6.99 5.11 -25.86
CA VAL A 172 7.23 4.10 -24.82
C VAL A 172 7.68 2.79 -25.48
N ARG A 173 7.14 2.49 -26.67
CA ARG A 173 7.58 1.32 -27.46
C ARG A 173 9.07 1.45 -27.80
N LYS A 174 9.49 2.66 -28.21
CA LYS A 174 10.87 2.94 -28.52
C LYS A 174 11.78 2.72 -27.29
N ALA A 175 11.35 3.25 -26.13
CA ALA A 175 12.09 3.09 -24.88
C ALA A 175 12.23 1.61 -24.51
N ILE A 176 11.16 0.86 -24.71
CA ILE A 176 11.12 -0.55 -24.39
C ILE A 176 12.09 -1.32 -25.31
N GLU A 177 12.13 -0.89 -26.57
CA GLU A 177 12.97 -1.50 -27.58
C GLU A 177 14.45 -1.26 -27.45
N THR A 178 14.86 -0.13 -26.90
CA THR A 178 16.29 0.12 -26.67
C THR A 178 16.81 -0.52 -25.37
N LYS A 179 18.05 -1.01 -25.41
CA LYS A 179 18.77 -1.53 -24.23
C LYS A 179 19.27 -0.40 -23.35
N GLY A 180 18.87 -0.41 -22.09
CA GLY A 180 19.21 0.68 -21.19
C GLY A 180 18.20 1.82 -21.21
N VAL A 181 18.23 2.61 -20.15
CA VAL A 181 17.36 3.78 -20.06
C VAL A 181 18.17 4.91 -20.68
N LYS A 182 17.89 5.19 -21.95
CA LYS A 182 18.56 6.31 -22.59
C LYS A 182 18.13 7.64 -21.96
N LYS A 183 19.01 8.62 -22.12
CA LYS A 183 18.79 10.00 -21.68
C LYS A 183 17.40 10.51 -22.04
N ASP A 184 17.08 10.44 -23.33
CA ASP A 184 15.82 10.98 -23.85
C ASP A 184 14.59 10.15 -23.47
N GLU A 185 14.80 9.00 -22.82
CA GLU A 185 13.68 8.13 -22.44
C GLU A 185 13.16 8.34 -21.02
N VAL A 186 13.98 8.97 -20.17
CA VAL A 186 13.64 9.20 -18.76
C VAL A 186 12.31 9.95 -18.73
N SER A 187 12.24 11.06 -19.47
CA SER A 187 10.99 11.83 -19.57
C SER A 187 9.75 10.98 -19.90
N THR A 188 9.87 10.02 -20.84
CA THR A 188 8.75 9.14 -21.25
C THR A 188 8.15 8.30 -20.13
N TRP A 189 9.03 7.53 -19.49
CA TRP A 189 8.70 6.64 -18.39
C TRP A 189 8.04 7.39 -17.23
N ILE A 190 8.66 8.49 -16.84
CA ILE A 190 8.20 9.29 -15.72
C ILE A 190 6.87 9.97 -16.06
N ARG A 191 6.76 10.59 -17.24
CA ARG A 191 5.52 11.25 -17.61
C ARG A 191 4.30 10.31 -17.61
N ILE A 192 4.45 9.13 -18.22
CA ILE A 192 3.35 8.18 -18.28
C ILE A 192 2.99 7.67 -16.89
N PHE A 193 3.98 7.11 -16.19
CA PHE A 193 3.75 6.37 -14.96
C PHE A 193 3.43 7.28 -13.79
N ALA A 194 3.96 8.51 -13.80
CA ALA A 194 3.73 9.48 -12.74
C ALA A 194 2.56 10.43 -13.00
N THR A 195 2.22 10.72 -14.28
CA THR A 195 1.19 11.78 -14.58
C THR A 195 -0.15 11.38 -15.26
N TYR A 196 -0.23 10.19 -15.87
CA TYR A 196 -1.49 9.65 -16.41
C TYR A 196 -2.52 9.37 -15.34
N THR A 197 -3.78 9.65 -15.67
CA THR A 197 -4.91 9.14 -14.88
C THR A 197 -5.07 7.66 -15.13
N ARG A 198 -5.74 7.01 -14.18
CA ARG A 198 -6.12 5.62 -14.31
C ARG A 198 -6.83 5.28 -15.64
N ALA A 199 -7.78 6.14 -16.02
CA ALA A 199 -8.59 5.94 -17.24
C ALA A 199 -7.67 5.95 -18.46
N ASP A 200 -6.84 6.96 -18.55
CA ASP A 200 -5.95 7.10 -19.67
C ASP A 200 -4.89 5.99 -19.67
N PHE A 201 -4.37 5.68 -18.48
CA PHE A 201 -3.43 4.56 -18.38
C PHE A 201 -4.02 3.24 -18.85
N ARG A 202 -5.26 2.94 -18.45
CA ARG A 202 -5.91 1.75 -18.91
C ARG A 202 -6.12 1.79 -20.45
N GLN A 203 -6.45 2.96 -20.99
CA GLN A 203 -6.54 3.14 -22.45
C GLN A 203 -5.21 2.85 -23.16
N LEU A 204 -4.12 3.44 -22.66
CA LEU A 204 -2.77 3.25 -23.24
C LEU A 204 -2.35 1.77 -23.22
N HIS A 205 -2.57 1.10 -22.08
CA HIS A 205 -2.36 -0.32 -21.89
C HIS A 205 -3.01 -1.10 -23.05
N LYS A 206 -4.30 -0.85 -23.29
CA LYS A 206 -5.06 -1.54 -24.34
C LYS A 206 -4.60 -1.18 -25.74
N MET A 207 -4.33 0.09 -25.98
CA MET A 207 -3.85 0.56 -27.28
C MET A 207 -2.52 -0.11 -27.63
N TYR A 208 -1.70 -0.36 -26.61
CA TYR A 208 -0.36 -0.91 -26.81
C TYR A 208 -0.44 -2.34 -27.26
N SER A 209 -1.27 -3.13 -26.58
CA SER A 209 -1.38 -4.52 -26.95
C SER A 209 -2.11 -4.63 -28.32
N ALA A 210 -2.97 -3.66 -28.64
CA ALA A 210 -3.69 -3.64 -29.93
C ALA A 210 -2.73 -3.31 -31.06
N LYS A 211 -1.85 -2.34 -30.85
CA LYS A 211 -0.86 -1.90 -31.84
C LYS A 211 0.32 -2.87 -32.03
N TYR A 212 0.74 -3.53 -30.94
CA TYR A 212 1.96 -4.31 -30.94
C TYR A 212 1.72 -5.82 -30.76
N ASN A 213 0.68 -6.30 -31.45
CA ASN A 213 0.42 -7.74 -31.57
C ASN A 213 0.35 -8.48 -30.22
N GLY A 214 -0.34 -7.88 -29.26
CA GLY A 214 -0.55 -8.55 -27.99
C GLY A 214 0.55 -8.32 -26.96
N ASP A 215 1.61 -7.59 -27.34
CA ASP A 215 2.70 -7.29 -26.40
C ASP A 215 2.12 -6.49 -25.26
N SER A 216 2.70 -6.58 -24.07
CA SER A 216 2.19 -5.74 -22.97
C SER A 216 3.15 -4.70 -22.46
N LEU A 217 2.58 -3.58 -22.00
CA LEU A 217 3.33 -2.53 -21.36
C LEU A 217 4.08 -3.08 -20.17
N ARG A 218 3.41 -3.91 -19.37
CA ARG A 218 4.06 -4.50 -18.17
C ARG A 218 5.30 -5.33 -18.51
N ALA A 219 5.23 -6.16 -19.55
CA ALA A 219 6.43 -6.89 -20.05
C ALA A 219 7.58 -5.95 -20.47
N GLY A 220 7.24 -4.80 -21.01
CA GLY A 220 8.25 -3.79 -21.33
C GLY A 220 9.00 -3.25 -20.12
N VAL A 221 8.29 -3.05 -19.02
CA VAL A 221 8.90 -2.61 -17.77
C VAL A 221 9.97 -3.62 -17.36
N GLU A 222 9.62 -4.89 -17.41
CA GLU A 222 10.59 -6.00 -17.14
C GLU A 222 11.85 -5.97 -18.03
N ASP A 223 11.68 -5.57 -19.28
CA ASP A 223 12.80 -5.43 -20.20
C ASP A 223 13.76 -4.32 -19.79
N GLU A 224 13.22 -3.21 -19.29
CA GLU A 224 14.02 -1.98 -19.14
C GLU A 224 14.66 -1.84 -17.77
N PHE A 225 13.98 -2.37 -16.74
CA PHE A 225 14.33 -2.05 -15.34
C PHE A 225 14.68 -3.29 -14.56
N GLN A 226 15.52 -3.14 -13.55
CA GLN A 226 15.83 -4.22 -12.60
C GLN A 226 15.74 -3.72 -11.17
N GLY A 227 15.75 -4.65 -10.22
CA GLY A 227 15.82 -4.32 -8.80
C GLY A 227 14.64 -3.48 -8.37
N LEU A 228 14.91 -2.39 -7.63
CA LEU A 228 13.82 -1.58 -7.05
C LEU A 228 13.18 -0.71 -8.11
N ASP A 229 13.93 -0.31 -9.16
CA ASP A 229 13.32 0.34 -10.31
C ASP A 229 12.20 -0.49 -10.90
N GLU A 230 12.49 -1.76 -11.10
CA GLU A 230 11.57 -2.70 -11.71
C GLU A 230 10.32 -2.88 -10.83
N TYR A 231 10.53 -3.12 -9.55
CA TYR A 231 9.37 -3.21 -8.61
C TYR A 231 8.49 -1.95 -8.61
N ALA A 232 9.11 -0.78 -8.56
CA ALA A 232 8.40 0.52 -8.53
C ALA A 232 7.60 0.75 -9.81
N PHE A 233 8.21 0.49 -10.99
CA PHE A 233 7.45 0.65 -12.23
C PHE A 233 6.35 -0.39 -12.41
N LYS A 234 6.57 -1.62 -11.98
CA LYS A 234 5.53 -2.62 -12.01
C LYS A 234 4.39 -2.23 -11.02
N LEU A 235 4.77 -1.77 -9.84
CA LEU A 235 3.77 -1.35 -8.83
C LEU A 235 2.91 -0.18 -9.38
N ALA A 236 3.53 0.82 -9.97
CA ALA A 236 2.76 1.95 -10.53
C ALA A 236 1.86 1.52 -11.67
N HIS A 237 2.38 0.62 -12.50
CA HIS A 237 1.60 0.05 -13.58
C HIS A 237 0.35 -0.62 -13.00
N ASP A 238 0.53 -1.53 -12.03
CA ASP A 238 -0.54 -2.36 -11.51
C ASP A 238 -1.54 -1.53 -10.74
N PHE A 239 -1.04 -0.53 -10.00
CA PHE A 239 -1.93 0.38 -9.24
C PHE A 239 -2.84 1.19 -10.18
N LEU A 240 -2.26 1.71 -11.24
CA LEU A 240 -2.99 2.50 -12.22
C LEU A 240 -3.94 1.61 -12.97
N TYR A 241 -3.51 0.39 -13.26
CA TYR A 241 -4.36 -0.54 -14.00
C TYR A 241 -5.57 -1.02 -13.15
N ASP A 242 -5.28 -1.47 -11.94
CA ASP A 242 -6.29 -1.91 -10.99
C ASP A 242 -5.64 -2.06 -9.62
N PRO A 243 -6.07 -1.27 -8.61
CA PRO A 243 -5.46 -1.40 -7.26
C PRO A 243 -5.37 -2.82 -6.69
N CYS A 244 -6.32 -3.71 -6.95
CA CYS A 244 -6.26 -5.06 -6.34
C CYS A 244 -5.14 -5.86 -6.96
N CYS A 245 -4.81 -5.50 -8.19
CA CYS A 245 -3.64 -6.03 -8.89
C CYS A 245 -2.36 -5.62 -8.14
N ALA A 246 -2.27 -4.35 -7.80
CA ALA A 246 -1.09 -3.83 -7.09
C ALA A 246 -0.97 -4.47 -5.70
N ALA A 247 -2.08 -4.54 -4.97
CA ALA A 247 -2.08 -5.22 -3.69
C ALA A 247 -1.61 -6.70 -3.81
N ALA A 248 -2.18 -7.45 -4.77
CA ALA A 248 -1.78 -8.86 -4.95
C ALA A 248 -0.28 -8.96 -5.26
N PHE A 249 0.19 -8.04 -6.10
CA PHE A 249 1.61 -8.06 -6.57
C PHE A 249 2.53 -7.79 -5.38
N SER A 250 2.18 -6.76 -4.58
CA SER A 250 3.05 -6.43 -3.44
C SER A 250 3.09 -7.52 -2.42
N MET A 251 1.96 -8.20 -2.20
CA MET A 251 1.91 -9.30 -1.23
C MET A 251 2.75 -10.47 -1.77
N ASN A 252 2.61 -10.76 -3.06
CA ASN A 252 3.43 -11.82 -3.64
C ASN A 252 4.94 -11.53 -3.49
N VAL A 253 5.36 -10.30 -3.73
CA VAL A 253 6.76 -9.90 -3.50
C VAL A 253 7.18 -10.05 -2.02
N ALA A 254 6.31 -9.66 -1.08
CA ALA A 254 6.65 -9.81 0.34
C ALA A 254 6.87 -11.30 0.76
N PHE A 255 6.19 -12.22 0.08
CA PHE A 255 6.39 -13.63 0.33
C PHE A 255 7.64 -14.24 -0.35
N ALA A 256 8.31 -13.52 -1.25
CA ALA A 256 9.35 -14.10 -2.14
C ALA A 256 10.59 -14.59 -1.37
N GLY A 257 11.22 -15.65 -1.87
CA GLY A 257 12.43 -16.18 -1.23
C GLY A 257 12.19 -17.06 -0.03
N SER A 258 13.26 -17.25 0.76
CA SER A 258 13.25 -18.26 1.83
C SER A 258 12.27 -17.97 2.97
N GLY A 259 12.29 -16.75 3.52
CA GLY A 259 11.35 -16.36 4.59
C GLY A 259 10.35 -15.37 4.00
N SER A 260 9.94 -14.37 4.77
CA SER A 260 9.06 -13.34 4.22
C SER A 260 9.30 -12.01 4.89
N ASP A 261 8.84 -10.93 4.23
CA ASP A 261 9.04 -9.60 4.74
C ASP A 261 7.79 -9.18 5.55
N SER A 262 7.81 -9.35 6.87
CA SER A 262 6.64 -9.04 7.73
C SER A 262 6.26 -7.56 7.72
N ASN A 263 7.25 -6.68 7.65
CA ASN A 263 6.95 -5.27 7.75
C ASN A 263 6.24 -4.83 6.51
N ARG A 264 6.71 -5.30 5.35
CA ARG A 264 5.99 -5.08 4.10
C ARG A 264 4.61 -5.77 4.12
N LEU A 265 4.54 -7.03 4.58
CA LEU A 265 3.18 -7.67 4.62
C LEU A 265 2.24 -6.83 5.47
N ASN A 266 2.75 -6.32 6.59
CA ASN A 266 1.96 -5.51 7.53
C ASN A 266 1.45 -4.25 6.87
N ARG A 267 2.35 -3.46 6.28
CA ARG A 267 1.88 -2.18 5.67
C ARG A 267 1.01 -2.39 4.43
N ILE A 268 1.34 -3.36 3.57
CA ILE A 268 0.50 -3.56 2.37
C ILE A 268 -0.92 -3.91 2.81
N THR A 269 -1.01 -4.81 3.79
CA THR A 269 -2.30 -5.29 4.28
C THR A 269 -3.03 -4.12 5.00
N ALA A 270 -2.34 -3.40 5.90
CA ALA A 270 -3.00 -2.34 6.66
C ALA A 270 -3.40 -1.14 5.76
N MET A 271 -2.60 -0.84 4.73
CA MET A 271 -2.92 0.29 3.84
C MET A 271 -4.11 -0.02 2.95
N HIS A 272 -4.27 -1.29 2.62
CA HIS A 272 -5.18 -1.62 1.51
C HIS A 272 -6.33 -2.53 1.82
N PHE A 273 -6.38 -3.12 3.00
CA PHE A 273 -7.38 -4.20 3.15
C PHE A 273 -8.83 -3.66 3.10
N ARG A 274 -9.02 -2.39 3.43
CA ARG A 274 -10.43 -1.85 3.51
C ARG A 274 -10.97 -1.45 2.12
N GLU A 275 -10.05 -1.12 1.22
CA GLU A 275 -10.39 -0.64 -0.10
C GLU A 275 -10.40 -1.80 -1.09
N CYS A 276 -9.49 -2.74 -0.92
CA CYS A 276 -9.24 -3.70 -1.98
C CYS A 276 -9.96 -5.04 -1.70
N LYS A 277 -11.22 -5.17 -2.13
CA LYS A 277 -11.96 -6.47 -1.92
C LYS A 277 -11.54 -7.61 -2.86
N GLY A 278 -10.97 -7.28 -4.01
CA GLY A 278 -10.53 -8.33 -4.96
C GLY A 278 -9.14 -8.92 -4.78
N CYS A 279 -8.41 -8.53 -3.73
CA CYS A 279 -7.00 -8.97 -3.61
C CYS A 279 -6.81 -10.49 -3.66
N LYS A 280 -7.55 -11.26 -2.83
CA LYS A 280 -7.34 -12.71 -2.81
C LYS A 280 -7.73 -13.30 -4.14
N TYR A 281 -8.80 -12.77 -4.71
CA TYR A 281 -9.28 -13.23 -6.02
C TYR A 281 -8.26 -12.98 -7.17
N TYR A 282 -7.76 -11.76 -7.26
CA TYR A 282 -6.72 -11.42 -8.22
C TYR A 282 -5.45 -12.21 -7.95
N TYR A 283 -5.07 -12.36 -6.69
CA TYR A 283 -3.91 -13.18 -6.34
C TYR A 283 -3.95 -14.57 -6.99
N LYS A 284 -5.04 -15.28 -6.75
CA LYS A 284 -5.26 -16.60 -7.36
C LYS A 284 -5.26 -16.52 -8.90
N LYS A 285 -5.86 -15.49 -9.47
CA LYS A 285 -5.94 -15.38 -10.94
C LYS A 285 -4.55 -15.22 -11.52
N VAL A 286 -3.75 -14.38 -10.88
CA VAL A 286 -2.43 -13.98 -11.37
C VAL A 286 -1.36 -15.02 -11.06
N TYR A 287 -1.36 -15.55 -9.84
CA TYR A 287 -0.31 -16.46 -9.41
C TYR A 287 -0.66 -17.93 -9.45
N GLY A 288 -1.94 -18.25 -9.63
CA GLY A 288 -2.39 -19.65 -9.77
C GLY A 288 -2.52 -20.44 -8.47
N GLN A 289 -2.04 -19.86 -7.38
CA GLN A 289 -2.17 -20.46 -6.06
C GLN A 289 -3.11 -19.57 -5.24
N ALA A 290 -4.01 -20.17 -4.46
CA ALA A 290 -4.89 -19.43 -3.53
C ALA A 290 -4.02 -18.65 -2.55
N PHE A 291 -4.35 -17.38 -2.34
CA PHE A 291 -3.69 -16.56 -1.34
C PHE A 291 -3.54 -17.25 0.04
N ASP A 292 -4.61 -17.84 0.56
CA ASP A 292 -4.57 -18.49 1.88
C ASP A 292 -3.59 -19.66 1.94
N GLU A 293 -3.46 -20.35 0.82
CA GLU A 293 -2.55 -21.50 0.69
C GLU A 293 -1.10 -21.04 0.73
N ARG A 294 -0.77 -19.95 0.05
CA ARG A 294 0.55 -19.34 0.16
C ARG A 294 0.79 -18.80 1.56
N CYS A 295 -0.20 -18.06 2.08
CA CYS A 295 -0.16 -17.65 3.46
C CYS A 295 0.13 -18.79 4.44
N ALA A 296 -0.50 -19.95 4.23
CA ALA A 296 -0.36 -21.12 5.12
C ALA A 296 1.06 -21.68 5.12
N THR A 297 1.71 -21.60 3.98
CA THR A 297 3.10 -22.05 3.88
C THR A 297 4.07 -21.02 4.47
N GLU A 298 3.81 -19.72 4.25
CA GLU A 298 4.73 -18.66 4.64
C GLU A 298 4.61 -18.23 6.10
N LEU A 299 3.39 -18.22 6.62
CA LEU A 299 3.14 -17.67 7.95
C LEU A 299 2.52 -18.72 8.86
N LYS A 300 2.70 -18.58 10.16
CA LYS A 300 2.21 -19.57 11.12
C LYS A 300 1.42 -18.90 12.21
N GLY A 301 0.55 -19.67 12.86
CA GLY A 301 -0.14 -19.20 14.08
C GLY A 301 -1.06 -18.01 13.85
N VAL A 302 -1.28 -17.23 14.91
CA VAL A 302 -2.21 -16.09 14.92
C VAL A 302 -1.85 -15.01 13.87
N TYR A 303 -0.54 -14.77 13.67
CA TYR A 303 -0.10 -13.74 12.72
C TYR A 303 -0.53 -14.08 11.28
N GLY A 304 -0.23 -15.30 10.86
CA GLY A 304 -0.81 -15.85 9.63
C GLY A 304 -2.33 -15.73 9.54
N ASP A 305 -3.06 -16.12 10.58
CA ASP A 305 -4.53 -16.08 10.49
C ASP A 305 -5.05 -14.63 10.39
N ALA A 306 -4.33 -13.71 11.01
CA ALA A 306 -4.62 -12.28 11.02
C ALA A 306 -4.51 -11.71 9.60
N ILE A 307 -3.40 -12.01 8.92
CA ILE A 307 -3.22 -11.56 7.54
C ILE A 307 -4.33 -12.15 6.65
N LYS A 308 -4.59 -13.45 6.76
CA LYS A 308 -5.68 -14.03 5.94
C LYS A 308 -7.02 -13.37 6.25
N LEU A 309 -7.29 -13.15 7.55
CA LEU A 309 -8.57 -12.56 7.93
C LEU A 309 -8.75 -11.11 7.44
N LEU A 310 -7.72 -10.28 7.58
CA LEU A 310 -7.82 -8.90 7.11
C LEU A 310 -8.12 -8.83 5.63
N TRP A 311 -7.53 -9.74 4.87
CA TRP A 311 -7.75 -9.74 3.43
C TRP A 311 -9.08 -10.39 2.97
N GLU A 312 -9.85 -10.92 3.91
CA GLU A 312 -11.13 -11.48 3.58
C GLU A 312 -12.15 -10.34 3.46
N PRO A 313 -12.78 -10.19 2.29
CA PRO A 313 -13.72 -9.14 1.99
C PRO A 313 -14.88 -9.14 3.02
N VAL A 314 -15.19 -7.99 3.59
CA VAL A 314 -16.32 -7.87 4.54
C VAL A 314 -17.61 -7.85 3.66
N THR A 315 -18.64 -8.56 4.08
CA THR A 315 -19.86 -8.75 3.25
C THR A 315 -21.13 -8.19 3.87
N VAL A 316 -20.96 -7.69 5.11
CA VAL A 316 -22.02 -7.04 5.89
C VAL A 316 -21.70 -5.55 6.18
N PRO A 317 -22.70 -4.77 6.64
CA PRO A 317 -22.45 -3.34 6.94
C PRO A 317 -21.60 -3.21 8.21
N LEU A 318 -20.83 -2.13 8.32
CA LEU A 318 -19.97 -1.95 9.50
C LEU A 318 -20.80 -1.66 10.72
N LEU A 319 -20.26 -2.00 11.88
CA LEU A 319 -20.83 -1.58 13.14
C LEU A 319 -20.58 -0.09 13.33
N SER A 320 -21.30 0.49 14.31
CA SER A 320 -21.00 1.81 14.81
C SER A 320 -20.79 1.76 16.32
N MET A 321 -19.70 2.37 16.76
CA MET A 321 -19.40 2.53 18.15
C MET A 321 -20.21 3.68 18.76
N ASP A 322 -20.79 4.51 17.90
CA ASP A 322 -21.45 5.75 18.32
C ASP A 322 -22.93 5.51 18.52
N ASP A 323 -23.37 4.31 18.18
CA ASP A 323 -24.77 3.91 18.08
C ASP A 323 -25.38 3.59 19.45
N TYR A 324 -24.50 3.36 20.42
CA TYR A 324 -24.89 3.11 21.81
C TYR A 324 -26.15 3.87 22.28
MG MG B . 15.46 1.64 -23.22
#